data_3OCU
#
_entry.id   3OCU
#
_cell.length_a   97.758
_cell.length_b   97.758
_cell.length_c   106.432
_cell.angle_alpha   90.000
_cell.angle_beta   90.000
_cell.angle_gamma   120.000
#
_symmetry.space_group_name_H-M   'P 65 2 2'
#
loop_
_entity.id
_entity.type
_entity.pdbx_description
1 polymer 'Lipoprotein E'
2 non-polymer 'MAGNESIUM ION'
3 non-polymer 'BETA-NICOTINAMIDE RIBOSE MONOPHOSPHATE'
4 water water
#
_entity_poly.entity_id   1
_entity_poly.type   'polypeptide(L)'
_entity_poly.pdbx_seq_one_letter_code
;MGSHQMKSEEHANMQLQQQAVLGLNWMQDSGEYKALAYQAYNAAKVAFDHAKVAKGKKKAVVADLNETMLDNSPYAGWQV
QNNKPFDGKDWTRWVDARQSRAVPGAVEFNNYVNSHNGKVFYVTNRKDSTEKSGTIDDMKRLGFNGVEESAFYLKKDKSA
KAARFAEIEKQGYEIVLYVGDNLDDFGNTVYGKLNADRRAFVDQNQGKFGKTFIMLPNANYGGWEGGLAEGYFKKDTQGQ
IKARLDAVQAWDGKLEHHHHHH
;
_entity_poly.pdbx_strand_id   A
#
loop_
_chem_comp.id
_chem_comp.type
_chem_comp.name
_chem_comp.formula
MG non-polymer 'MAGNESIUM ION' 'Mg 2'
NMN non-polymer 'BETA-NICOTINAMIDE RIBOSE MONOPHOSPHATE' 'C11 H16 N2 O8 P 1'
#
# COMPACT_ATOMS: atom_id res chain seq x y z
N GLU A 9 -3.80 3.39 -28.51
CA GLU A 9 -2.95 4.42 -29.09
C GLU A 9 -1.72 4.70 -28.21
N GLU A 10 -0.56 4.76 -28.86
CA GLU A 10 0.69 5.01 -28.15
C GLU A 10 0.70 6.40 -27.55
N HIS A 11 0.04 7.34 -28.22
CA HIS A 11 0.00 8.71 -27.76
C HIS A 11 -0.76 8.81 -26.44
N ALA A 12 -1.90 8.12 -26.36
CA ALA A 12 -2.68 8.08 -25.14
C ALA A 12 -1.91 7.39 -24.01
N ASN A 13 -1.24 6.29 -24.33
CA ASN A 13 -0.44 5.61 -23.32
C ASN A 13 0.65 6.52 -22.77
N MET A 14 1.25 7.33 -23.64
CA MET A 14 2.28 8.28 -23.23
C MET A 14 1.69 9.34 -22.30
N GLN A 15 0.57 9.93 -22.68
CA GLN A 15 -0.05 10.95 -21.85
C GLN A 15 -0.44 10.40 -20.49
N LEU A 16 -1.00 9.19 -20.47
CA LEU A 16 -1.43 8.60 -19.21
C LEU A 16 -0.26 8.48 -18.25
N GLN A 17 0.88 8.00 -18.76
CA GLN A 17 2.03 7.81 -17.89
C GLN A 17 2.78 9.10 -17.59
N GLN A 18 2.73 10.07 -18.49
CA GLN A 18 3.33 11.37 -18.18
C GLN A 18 2.64 12.00 -16.98
N GLN A 19 1.36 11.72 -16.82
CA GLN A 19 0.60 12.28 -15.70
C GLN A 19 1.08 11.79 -14.33
N ALA A 20 1.90 10.74 -14.32
CA ALA A 20 2.45 10.19 -13.08
C ALA A 20 3.78 10.83 -12.68
N VAL A 21 4.37 11.62 -13.56
CA VAL A 21 5.77 12.00 -13.40
C VAL A 21 6.09 12.78 -12.12
N LEU A 22 5.36 13.86 -11.84
CA LEU A 22 5.67 14.67 -10.68
C LEU A 22 5.49 13.91 -9.37
N GLY A 23 4.40 13.15 -9.27
CA GLY A 23 4.16 12.34 -8.09
C GLY A 23 5.26 11.32 -7.88
N LEU A 24 5.75 10.76 -8.98
CA LEU A 24 6.84 9.81 -8.92
C LEU A 24 8.16 10.46 -8.50
N ASN A 25 8.47 11.62 -9.08
CA ASN A 25 9.65 12.38 -8.66
C ASN A 25 9.60 12.63 -7.15
N TRP A 26 8.43 13.04 -6.67
CA TRP A 26 8.28 13.33 -5.24
C TRP A 26 8.57 12.06 -4.41
N MET A 27 7.95 10.94 -4.77
CA MET A 27 8.19 9.72 -4.01
C MET A 27 9.62 9.22 -4.10
N GLN A 28 10.23 9.30 -5.27
CA GLN A 28 11.56 8.73 -5.46
C GLN A 28 12.70 9.61 -4.93
N ASP A 29 12.54 10.92 -5.06
CA ASP A 29 13.67 11.85 -4.88
CA ASP A 29 13.67 11.82 -4.86
C ASP A 29 13.56 12.71 -3.62
N SER A 30 12.35 13.01 -3.17
CA SER A 30 12.23 14.02 -2.12
C SER A 30 12.63 13.54 -0.72
N GLY A 31 13.22 14.43 0.06
CA GLY A 31 13.36 14.17 1.48
C GLY A 31 12.01 14.17 2.17
N GLU A 32 11.07 14.97 1.68
CA GLU A 32 9.74 15.07 2.27
C GLU A 32 9.04 13.70 2.32
N TYR A 33 9.13 12.92 1.24
CA TYR A 33 8.56 11.59 1.24
C TYR A 33 9.20 10.73 2.35
N LYS A 34 10.53 10.76 2.46
CA LYS A 34 11.21 9.97 3.50
C LYS A 34 10.71 10.40 4.87
N ALA A 35 10.54 11.71 5.07
CA ALA A 35 10.10 12.25 6.35
C ALA A 35 8.70 11.74 6.72
N LEU A 36 7.82 11.66 5.72
CA LEU A 36 6.48 11.10 5.94
C LEU A 36 6.53 9.62 6.31
N ALA A 37 7.43 8.87 5.69
CA ALA A 37 7.61 7.46 6.03
C ALA A 37 8.10 7.32 7.47
N TYR A 38 9.12 8.09 7.85
CA TYR A 38 9.60 8.06 9.22
C TYR A 38 8.51 8.50 10.21
N GLN A 39 7.76 9.52 9.86
CA GLN A 39 6.66 9.97 10.71
C GLN A 39 5.67 8.84 10.97
N ALA A 40 5.29 8.13 9.92
CA ALA A 40 4.35 7.02 10.04
C ALA A 40 4.89 5.94 10.96
N TYR A 41 6.13 5.52 10.72
CA TYR A 41 6.70 4.42 11.50
C TYR A 41 7.04 4.84 12.93
N ASN A 42 7.38 6.11 13.15
CA ASN A 42 7.57 6.61 14.51
C ASN A 42 6.23 6.55 15.27
N ALA A 43 5.15 6.98 14.62
CA ALA A 43 3.83 6.91 15.25
C ALA A 43 3.41 5.47 15.48
N ALA A 44 3.73 4.60 14.53
CA ALA A 44 3.36 3.19 14.66
C ALA A 44 4.01 2.55 15.89
N LYS A 45 5.28 2.87 16.15
CA LYS A 45 5.96 2.31 17.31
CA LYS A 45 5.95 2.31 17.31
C LYS A 45 5.27 2.74 18.60
N VAL A 46 4.92 4.03 18.68
CA VAL A 46 4.22 4.54 19.86
C VAL A 46 2.90 3.79 20.08
N ALA A 47 2.14 3.61 19.00
CA ALA A 47 0.87 2.90 19.09
C ALA A 47 1.08 1.44 19.53
N PHE A 48 2.08 0.79 18.98
CA PHE A 48 2.34 -0.61 19.32
C PHE A 48 2.71 -0.74 20.79
N ASP A 49 3.58 0.14 21.27
CA ASP A 49 4.00 0.10 22.67
C ASP A 49 2.85 0.35 23.63
N HIS A 50 1.88 1.17 23.22
CA HIS A 50 0.75 1.50 24.09
C HIS A 50 -0.33 0.43 24.08
N ALA A 51 -0.34 -0.41 23.06
CA ALA A 51 -1.47 -1.31 22.83
C ALA A 51 -1.55 -2.38 23.90
N LYS A 52 -2.77 -2.66 24.33
CA LYS A 52 -3.05 -3.79 25.20
C LYS A 52 -4.09 -4.66 24.52
N VAL A 53 -3.97 -5.97 24.67
CA VAL A 53 -4.93 -6.88 24.04
C VAL A 53 -5.70 -7.64 25.09
N ALA A 54 -6.80 -8.27 24.67
CA ALA A 54 -7.62 -9.09 25.55
C ALA A 54 -6.82 -10.24 26.13
N LYS A 55 -7.16 -10.65 27.35
CA LYS A 55 -6.50 -11.77 27.99
C LYS A 55 -6.51 -12.98 27.07
N GLY A 56 -5.37 -13.65 26.95
CA GLY A 56 -5.27 -14.84 26.13
C GLY A 56 -4.99 -14.59 24.65
N LYS A 57 -4.95 -13.32 24.24
CA LYS A 57 -4.64 -12.99 22.85
C LYS A 57 -3.16 -12.69 22.68
N LYS A 58 -2.66 -12.94 21.47
CA LYS A 58 -1.32 -12.52 21.10
C LYS A 58 -1.44 -11.20 20.33
N LYS A 59 -0.43 -10.33 20.44
CA LYS A 59 -0.44 -9.04 19.76
C LYS A 59 0.00 -9.18 18.30
N ALA A 60 -0.87 -8.79 17.37
CA ALA A 60 -0.51 -8.75 15.96
C ALA A 60 -0.51 -7.33 15.43
N VAL A 61 0.39 -7.09 14.47
CA VAL A 61 0.34 -5.90 13.64
C VAL A 61 0.09 -6.38 12.22
N VAL A 62 -0.87 -5.77 11.53
CA VAL A 62 -1.08 -6.07 10.11
C VAL A 62 -0.39 -5.00 9.28
N ALA A 63 0.46 -5.44 8.36
CA ALA A 63 1.14 -4.52 7.47
C ALA A 63 0.87 -4.88 6.02
N ASP A 64 0.49 -3.88 5.25
CA ASP A 64 0.53 -3.98 3.81
C ASP A 64 1.98 -4.09 3.33
N LEU A 65 2.20 -4.61 2.12
CA LEU A 65 3.54 -4.57 1.54
C LEU A 65 3.78 -3.44 0.54
N ASN A 66 3.11 -3.48 -0.61
CA ASN A 66 3.52 -2.55 -1.67
C ASN A 66 3.23 -1.10 -1.36
N GLU A 67 4.28 -0.29 -1.37
CA GLU A 67 4.20 1.15 -1.04
C GLU A 67 3.89 1.41 0.43
N THR A 68 4.05 0.37 1.24
CA THR A 68 3.95 0.49 2.70
C THR A 68 5.25 0.03 3.34
N MET A 69 5.65 -1.22 3.06
CA MET A 69 6.95 -1.73 3.51
C MET A 69 7.93 -1.94 2.36
N LEU A 70 7.41 -2.25 1.17
CA LEU A 70 8.25 -2.42 -0.02
C LEU A 70 8.04 -1.25 -0.97
N ASP A 71 9.15 -0.79 -1.55
CA ASP A 71 9.19 0.33 -2.49
C ASP A 71 9.38 -0.24 -3.90
N ASN A 72 8.33 -0.08 -4.72
CA ASN A 72 8.30 -0.56 -6.10
C ASN A 72 8.41 0.57 -7.11
N SER A 73 8.92 1.73 -6.68
CA SER A 73 8.95 2.88 -7.56
C SER A 73 9.65 2.64 -8.91
N PRO A 74 10.69 1.77 -8.96
CA PRO A 74 11.30 1.55 -10.28
C PRO A 74 10.35 0.94 -11.31
N TYR A 75 9.34 0.20 -10.88
CA TYR A 75 8.34 -0.28 -11.82
C TYR A 75 7.58 0.90 -12.43
N ALA A 76 7.17 1.84 -11.59
CA ALA A 76 6.52 3.05 -12.10
C ALA A 76 7.43 3.82 -13.03
N GLY A 77 8.72 3.88 -12.70
CA GLY A 77 9.68 4.55 -13.57
C GLY A 77 9.75 3.89 -14.94
N TRP A 78 9.73 2.56 -14.96
CA TRP A 78 9.71 1.79 -16.20
C TRP A 78 8.44 2.11 -16.99
N GLN A 79 7.30 2.23 -16.31
CA GLN A 79 6.06 2.61 -16.98
C GLN A 79 6.19 3.95 -17.67
N VAL A 80 6.79 4.92 -16.98
CA VAL A 80 6.95 6.24 -17.55
C VAL A 80 7.85 6.17 -18.79
N GLN A 81 8.97 5.47 -18.67
CA GLN A 81 9.94 5.44 -19.75
C GLN A 81 9.45 4.69 -20.98
N ASN A 82 8.53 3.74 -20.77
CA ASN A 82 8.07 2.89 -21.86
C ASN A 82 6.61 3.12 -22.24
N ASN A 83 6.01 4.16 -21.65
CA ASN A 83 4.62 4.49 -21.93
C ASN A 83 3.69 3.29 -21.73
N LYS A 84 3.86 2.61 -20.60
CA LYS A 84 3.12 1.37 -20.32
C LYS A 84 2.09 1.54 -19.22
N PRO A 85 0.81 1.37 -19.54
CA PRO A 85 -0.23 1.35 -18.51
C PRO A 85 -0.04 0.12 -17.61
N PHE A 86 -0.57 0.16 -16.40
CA PHE A 86 -0.39 -0.96 -15.51
C PHE A 86 -0.90 -2.26 -16.13
N ASP A 87 -0.11 -3.32 -15.98
CA ASP A 87 -0.48 -4.64 -16.46
C ASP A 87 0.06 -5.66 -15.46
N GLY A 88 -0.80 -6.49 -14.90
CA GLY A 88 -0.38 -7.49 -13.93
C GLY A 88 0.71 -8.42 -14.45
N LYS A 89 0.78 -8.63 -15.76
CA LYS A 89 1.80 -9.51 -16.31
C LYS A 89 3.18 -8.86 -16.21
N ASP A 90 3.25 -7.55 -16.43
CA ASP A 90 4.50 -6.83 -16.25
C ASP A 90 4.86 -6.79 -14.78
N TRP A 91 3.86 -6.60 -13.92
CA TRP A 91 4.06 -6.56 -12.48
C TRP A 91 4.72 -7.86 -11.96
N THR A 92 4.22 -9.00 -12.43
CA THR A 92 4.79 -10.27 -12.00
C THR A 92 6.27 -10.37 -12.39
N ARG A 93 6.62 -9.88 -13.58
CA ARG A 93 8.02 -9.84 -13.99
C ARG A 93 8.84 -8.91 -13.07
N TRP A 94 8.28 -7.75 -12.75
CA TRP A 94 8.93 -6.84 -11.81
C TRP A 94 9.20 -7.56 -10.48
N VAL A 95 8.20 -8.24 -9.93
CA VAL A 95 8.40 -8.95 -8.67
C VAL A 95 9.52 -9.98 -8.80
N ASP A 96 9.52 -10.70 -9.93
CA ASP A 96 10.50 -11.75 -10.16
C ASP A 96 11.92 -11.17 -10.35
N ALA A 97 11.99 -9.90 -10.70
CA ALA A 97 13.28 -9.25 -10.91
C ALA A 97 14.06 -9.08 -9.61
N ARG A 98 13.36 -9.15 -8.48
CA ARG A 98 14.00 -9.10 -7.16
C ARG A 98 14.84 -7.84 -6.99
N GLN A 99 14.19 -6.69 -7.23
CA GLN A 99 14.82 -5.40 -7.11
C GLN A 99 14.02 -4.47 -6.19
N SER A 100 13.09 -5.04 -5.43
CA SER A 100 12.30 -4.23 -4.52
C SER A 100 13.20 -3.55 -3.50
N ARG A 101 12.84 -2.34 -3.09
CA ARG A 101 13.55 -1.65 -2.02
C ARG A 101 12.64 -1.62 -0.79
N ALA A 102 13.17 -1.14 0.34
CA ALA A 102 12.36 -1.00 1.55
C ALA A 102 11.91 0.44 1.73
N VAL A 103 10.67 0.63 2.17
CA VAL A 103 10.20 1.95 2.57
C VAL A 103 10.96 2.39 3.82
N PRO A 104 11.39 3.65 3.88
CA PRO A 104 12.17 4.08 5.06
C PRO A 104 11.43 3.84 6.37
N GLY A 105 12.16 3.34 7.36
CA GLY A 105 11.59 3.06 8.68
C GLY A 105 10.88 1.71 8.82
N ALA A 106 10.53 1.08 7.70
CA ALA A 106 9.69 -0.13 7.75
C ALA A 106 10.40 -1.32 8.37
N VAL A 107 11.64 -1.57 7.97
CA VAL A 107 12.37 -2.74 8.49
C VAL A 107 12.57 -2.60 9.99
N GLU A 108 12.96 -1.42 10.45
CA GLU A 108 13.19 -1.20 11.87
C GLU A 108 11.92 -1.40 12.68
N PHE A 109 10.80 -0.87 12.19
CA PHE A 109 9.54 -1.05 12.89
C PHE A 109 9.14 -2.53 12.92
N ASN A 110 9.22 -3.18 11.76
CA ASN A 110 8.89 -4.59 11.62
C ASN A 110 9.69 -5.42 12.63
N ASN A 111 11.00 -5.21 12.65
CA ASN A 111 11.85 -6.02 13.49
C ASN A 111 11.64 -5.72 14.97
N TYR A 112 11.30 -4.45 15.28
CA TYR A 112 11.00 -4.07 16.65
C TYR A 112 9.74 -4.78 17.16
N VAL A 113 8.68 -4.75 16.36
CA VAL A 113 7.46 -5.45 16.74
C VAL A 113 7.75 -6.92 17.02
N ASN A 114 8.47 -7.54 16.10
CA ASN A 114 8.72 -8.98 16.19
C ASN A 114 9.62 -9.37 17.36
N SER A 115 10.39 -8.42 17.87
CA SER A 115 11.25 -8.67 19.03
C SER A 115 10.68 -8.16 20.35
N HIS A 116 9.46 -7.61 20.29
CA HIS A 116 8.82 -7.05 21.49
C HIS A 116 7.42 -7.58 21.68
N ASN A 117 7.32 -8.91 21.62
CA ASN A 117 6.09 -9.61 21.97
C ASN A 117 4.95 -9.37 20.99
N GLY A 118 5.28 -9.01 19.75
CA GLY A 118 4.29 -8.91 18.71
C GLY A 118 4.65 -9.76 17.51
N LYS A 119 3.74 -9.80 16.54
CA LYS A 119 4.03 -10.45 15.25
C LYS A 119 3.42 -9.61 14.15
N VAL A 120 4.25 -9.26 13.16
CA VAL A 120 3.75 -8.59 11.95
C VAL A 120 3.29 -9.64 10.94
N PHE A 121 2.06 -9.48 10.46
CA PHE A 121 1.56 -10.30 9.36
C PHE A 121 1.45 -9.44 8.11
N TYR A 122 1.91 -9.97 6.98
CA TYR A 122 1.96 -9.22 5.73
C TYR A 122 0.72 -9.55 4.92
N VAL A 123 -0.23 -8.62 4.89
CA VAL A 123 -1.47 -8.84 4.14
C VAL A 123 -1.38 -7.95 2.91
N THR A 124 -1.15 -8.59 1.78
CA THR A 124 -0.68 -7.92 0.59
C THR A 124 -1.30 -8.51 -0.65
N ASN A 125 -1.48 -7.69 -1.67
CA ASN A 125 -1.99 -8.19 -2.95
C ASN A 125 -0.92 -8.55 -3.97
N ARG A 126 0.33 -8.72 -3.51
CA ARG A 126 1.21 -9.58 -4.28
C ARG A 126 0.58 -10.97 -4.33
N LYS A 127 0.78 -11.68 -5.43
CA LYS A 127 0.05 -12.91 -5.68
C LYS A 127 0.74 -14.13 -5.04
N ASP A 128 -0.01 -14.88 -4.24
CA ASP A 128 0.56 -16.02 -3.54
C ASP A 128 1.21 -17.02 -4.49
N SER A 129 0.58 -17.29 -5.61
CA SER A 129 1.02 -18.38 -6.48
C SER A 129 2.21 -18.05 -7.37
N THR A 130 2.37 -16.78 -7.75
CA THR A 130 3.38 -16.40 -8.73
C THR A 130 4.39 -15.37 -8.24
N GLU A 131 4.09 -14.70 -7.13
CA GLU A 131 4.89 -13.55 -6.68
C GLU A 131 5.49 -13.76 -5.28
N LYS A 132 5.23 -14.91 -4.68
CA LYS A 132 5.70 -15.14 -3.32
C LYS A 132 7.22 -15.30 -3.22
N SER A 133 7.83 -16.05 -4.14
CA SER A 133 9.26 -16.32 -4.00
CA SER A 133 9.26 -16.32 -4.08
C SER A 133 10.10 -15.04 -4.11
N GLY A 134 9.79 -14.16 -5.05
CA GLY A 134 10.53 -12.91 -5.15
C GLY A 134 10.32 -12.03 -3.93
N THR A 135 9.10 -12.02 -3.41
CA THR A 135 8.77 -11.22 -2.23
C THR A 135 9.61 -11.65 -1.03
N ILE A 136 9.64 -12.96 -0.78
CA ILE A 136 10.38 -13.46 0.37
C ILE A 136 11.88 -13.23 0.19
N ASP A 137 12.38 -13.47 -1.02
CA ASP A 137 13.79 -13.25 -1.25
C ASP A 137 14.19 -11.79 -1.02
N ASP A 138 13.41 -10.88 -1.59
CA ASP A 138 13.68 -9.45 -1.42
C ASP A 138 13.61 -9.05 0.07
N MET A 139 12.58 -9.52 0.77
CA MET A 139 12.45 -9.11 2.17
C MET A 139 13.59 -9.63 3.04
N LYS A 140 14.05 -10.85 2.78
CA LYS A 140 15.23 -11.35 3.48
C LYS A 140 16.45 -10.46 3.22
N ARG A 141 16.67 -10.13 1.95
CA ARG A 141 17.82 -9.32 1.56
C ARG A 141 17.74 -7.92 2.19
N LEU A 142 16.52 -7.38 2.25
CA LEU A 142 16.31 -6.03 2.77
C LEU A 142 16.41 -5.95 4.29
N GLY A 143 16.48 -7.09 4.96
CA GLY A 143 16.73 -7.12 6.39
C GLY A 143 15.52 -7.36 7.28
N PHE A 144 14.37 -7.66 6.69
CA PHE A 144 13.18 -7.96 7.50
C PHE A 144 13.36 -9.27 8.26
N ASN A 145 13.05 -9.25 9.56
CA ASN A 145 12.94 -10.47 10.38
C ASN A 145 11.51 -10.98 10.32
N GLY A 146 11.33 -12.28 10.52
CA GLY A 146 9.99 -12.85 10.59
C GLY A 146 9.35 -13.09 9.25
N VAL A 147 10.15 -13.38 8.22
CA VAL A 147 9.58 -13.57 6.89
C VAL A 147 9.49 -15.04 6.48
N GLU A 148 9.17 -15.87 7.46
CA GLU A 148 8.78 -17.25 7.16
C GLU A 148 7.42 -17.24 6.45
N GLU A 149 7.12 -18.31 5.72
CA GLU A 149 5.92 -18.30 4.89
C GLU A 149 4.63 -18.06 5.65
N SER A 150 4.56 -18.51 6.90
CA SER A 150 3.33 -18.37 7.68
C SER A 150 3.04 -16.93 8.13
N ALA A 151 3.99 -16.03 7.93
CA ALA A 151 3.74 -14.61 8.24
C ALA A 151 2.98 -13.94 7.11
N PHE A 152 2.91 -14.59 5.95
CA PHE A 152 2.37 -13.98 4.75
C PHE A 152 0.94 -14.39 4.46
N TYR A 153 0.14 -13.38 4.11
CA TYR A 153 -1.20 -13.57 3.60
C TYR A 153 -1.30 -12.86 2.25
N LEU A 154 -0.67 -13.46 1.25
CA LEU A 154 -0.68 -12.94 -0.11
C LEU A 154 -2.02 -13.23 -0.77
N LYS A 155 -2.27 -12.55 -1.89
CA LYS A 155 -3.54 -12.68 -2.57
C LYS A 155 -3.74 -14.07 -3.16
N LYS A 156 -4.90 -14.64 -2.90
CA LYS A 156 -5.32 -15.88 -3.54
C LYS A 156 -6.48 -15.55 -4.46
N ASP A 157 -7.71 -15.61 -3.94
CA ASP A 157 -8.90 -15.42 -4.77
C ASP A 157 -9.52 -14.02 -4.69
N LYS A 158 -9.30 -13.31 -3.59
CA LYS A 158 -9.94 -12.02 -3.37
C LYS A 158 -8.92 -10.91 -3.13
N SER A 159 -9.12 -9.77 -3.77
CA SER A 159 -8.27 -8.60 -3.53
C SER A 159 -8.67 -7.86 -2.23
N ALA A 160 -9.94 -7.92 -1.87
CA ALA A 160 -10.37 -7.33 -0.60
C ALA A 160 -9.70 -8.08 0.55
N LYS A 161 -9.25 -7.36 1.57
CA LYS A 161 -8.34 -7.92 2.58
C LYS A 161 -8.98 -8.36 3.89
N ALA A 162 -10.24 -7.97 4.12
CA ALA A 162 -10.84 -8.23 5.43
C ALA A 162 -10.87 -9.72 5.80
N ALA A 163 -11.09 -10.59 4.83
CA ALA A 163 -11.14 -12.02 5.13
C ALA A 163 -9.79 -12.52 5.67
N ARG A 164 -8.70 -11.99 5.13
CA ARG A 164 -7.38 -12.33 5.63
C ARG A 164 -7.15 -11.81 7.05
N PHE A 165 -7.65 -10.61 7.34
CA PHE A 165 -7.56 -10.10 8.71
C PHE A 165 -8.27 -11.07 9.66
N ALA A 166 -9.45 -11.54 9.24
CA ALA A 166 -10.20 -12.48 10.05
C ALA A 166 -9.46 -13.80 10.27
N GLU A 167 -8.73 -14.26 9.27
CA GLU A 167 -7.92 -15.48 9.42
C GLU A 167 -6.89 -15.32 10.52
N ILE A 168 -6.25 -14.15 10.56
CA ILE A 168 -5.24 -13.86 11.56
C ILE A 168 -5.87 -13.89 12.96
N GLU A 169 -7.03 -13.26 13.10
CA GLU A 169 -7.74 -13.25 14.38
C GLU A 169 -8.13 -14.67 14.82
N LYS A 170 -8.49 -15.51 13.87
CA LYS A 170 -8.87 -16.89 14.16
C LYS A 170 -7.68 -17.69 14.70
N GLN A 171 -6.47 -17.23 14.42
CA GLN A 171 -5.26 -17.88 14.93
C GLN A 171 -4.88 -17.43 16.34
N GLY A 172 -5.75 -16.66 16.99
CA GLY A 172 -5.55 -16.27 18.37
C GLY A 172 -4.86 -14.94 18.55
N TYR A 173 -4.83 -14.13 17.50
CA TYR A 173 -4.24 -12.81 17.56
C TYR A 173 -5.30 -11.72 17.70
N GLU A 174 -4.92 -10.65 18.39
CA GLU A 174 -5.68 -9.43 18.35
C GLU A 174 -4.84 -8.42 17.58
N ILE A 175 -5.41 -7.87 16.52
CA ILE A 175 -4.70 -6.90 15.68
C ILE A 175 -4.72 -5.52 16.36
N VAL A 176 -3.54 -5.03 16.74
CA VAL A 176 -3.48 -3.78 17.51
C VAL A 176 -3.37 -2.54 16.62
N LEU A 177 -2.88 -2.71 15.41
CA LEU A 177 -2.84 -1.62 14.44
C LEU A 177 -2.62 -2.18 13.05
N TYR A 178 -2.96 -1.36 12.06
CA TYR A 178 -2.82 -1.67 10.65
C TYR A 178 -1.95 -0.60 10.00
N VAL A 179 -1.08 -1.01 9.09
CA VAL A 179 -0.23 -0.08 8.35
C VAL A 179 -0.52 -0.24 6.87
N GLY A 180 -0.71 0.86 6.14
CA GLY A 180 -0.99 0.77 4.72
C GLY A 180 -0.87 2.08 3.99
N ASP A 181 -0.91 2.02 2.66
CA ASP A 181 -0.94 3.20 1.80
C ASP A 181 -2.30 3.37 1.12
N ASN A 182 -3.20 2.41 1.32
CA ASN A 182 -4.49 2.33 0.64
C ASN A 182 -5.55 2.12 1.73
N LEU A 183 -6.66 2.86 1.68
CA LEU A 183 -7.70 2.66 2.69
C LEU A 183 -8.22 1.22 2.75
N ASP A 184 -8.08 0.49 1.65
CA ASP A 184 -8.52 -0.91 1.61
C ASP A 184 -7.61 -1.82 2.43
N ASP A 185 -6.52 -1.23 2.95
CA ASP A 185 -5.63 -1.93 3.89
C ASP A 185 -6.17 -1.90 5.32
N PHE A 186 -7.31 -1.24 5.52
CA PHE A 186 -7.90 -1.10 6.85
C PHE A 186 -9.23 -1.83 6.99
N GLY A 187 -9.68 -2.50 5.93
CA GLY A 187 -10.97 -3.17 5.93
C GLY A 187 -11.61 -3.13 4.56
N ASN A 188 -12.87 -3.58 4.48
CA ASN A 188 -13.56 -3.71 3.20
C ASN A 188 -14.63 -2.67 2.96
N THR A 189 -14.84 -1.76 3.92
CA THR A 189 -16.07 -0.97 3.82
C THR A 189 -16.11 0.02 2.67
N VAL A 190 -14.96 0.38 2.11
CA VAL A 190 -14.96 1.24 0.92
C VAL A 190 -14.26 0.59 -0.27
N TYR A 191 -14.09 -0.73 -0.20
CA TYR A 191 -13.50 -1.47 -1.29
C TYR A 191 -14.38 -1.36 -2.54
N GLY A 192 -13.78 -0.94 -3.65
CA GLY A 192 -14.50 -0.79 -4.92
C GLY A 192 -15.38 0.45 -4.97
N LYS A 193 -15.31 1.30 -3.96
CA LYS A 193 -16.16 2.50 -3.91
C LYS A 193 -15.45 3.73 -4.46
N LEU A 194 -16.22 4.75 -4.80
CA LEU A 194 -15.67 5.97 -5.35
C LEU A 194 -15.11 6.86 -4.25
N ASN A 195 -14.36 7.88 -4.64
CA ASN A 195 -13.61 8.65 -3.67
C ASN A 195 -14.44 9.41 -2.65
N ALA A 196 -15.66 9.83 -3.00
CA ALA A 196 -16.52 10.48 -2.00
C ALA A 196 -16.77 9.56 -0.82
N ASP A 197 -17.10 8.29 -1.08
CA ASP A 197 -17.34 7.34 -0.01
C ASP A 197 -16.05 7.05 0.78
N ARG A 198 -14.93 7.06 0.08
CA ARG A 198 -13.64 6.80 0.72
C ARG A 198 -13.23 7.96 1.64
N ARG A 199 -13.43 9.20 1.20
CA ARG A 199 -13.21 10.34 2.07
C ARG A 199 -14.13 10.30 3.29
N ALA A 200 -15.38 9.88 3.09
CA ALA A 200 -16.33 9.79 4.20
C ALA A 200 -15.86 8.77 5.24
N PHE A 201 -15.33 7.64 4.79
CA PHE A 201 -14.77 6.64 5.70
C PHE A 201 -13.66 7.26 6.55
N VAL A 202 -12.78 8.00 5.91
CA VAL A 202 -11.68 8.65 6.62
C VAL A 202 -12.23 9.63 7.67
N ASP A 203 -13.19 10.46 7.30
CA ASP A 203 -13.79 11.40 8.25
C ASP A 203 -14.42 10.66 9.43
N GLN A 204 -15.05 9.51 9.17
CA GLN A 204 -15.70 8.73 10.21
C GLN A 204 -14.69 8.05 11.15
N ASN A 205 -13.42 8.07 10.76
CA ASN A 205 -12.37 7.44 11.55
C ASN A 205 -11.21 8.40 11.84
N GLN A 206 -11.52 9.69 11.87
CA GLN A 206 -10.48 10.72 11.95
C GLN A 206 -9.46 10.48 13.06
N GLY A 207 -9.94 10.06 14.23
CA GLY A 207 -9.07 9.92 15.39
C GLY A 207 -8.16 8.70 15.35
N LYS A 208 -8.43 7.76 14.44
CA LYS A 208 -7.64 6.53 14.37
C LYS A 208 -6.34 6.71 13.61
N PHE A 209 -6.26 7.72 12.76
CA PHE A 209 -5.07 7.88 11.92
C PHE A 209 -3.86 8.35 12.72
N GLY A 210 -2.76 7.63 12.54
CA GLY A 210 -1.58 7.89 13.34
C GLY A 210 -1.64 7.18 14.67
N LYS A 211 -2.69 6.40 14.89
CA LYS A 211 -2.85 5.62 16.11
C LYS A 211 -3.00 4.17 15.68
N THR A 212 -4.23 3.74 15.40
CA THR A 212 -4.47 2.35 15.00
C THR A 212 -4.51 2.11 13.49
N PHE A 213 -4.69 3.16 12.69
CA PHE A 213 -4.52 3.09 11.24
C PHE A 213 -3.33 3.98 10.89
N ILE A 214 -2.24 3.39 10.42
CA ILE A 214 -1.03 4.12 10.10
C ILE A 214 -0.92 4.24 8.58
N MET A 215 -0.82 5.47 8.09
CA MET A 215 -0.82 5.77 6.66
C MET A 215 0.56 6.07 6.10
N LEU A 216 0.85 5.47 4.94
CA LEU A 216 2.01 5.84 4.12
C LEU A 216 1.51 6.51 2.85
N PRO A 217 2.29 7.46 2.30
CA PRO A 217 1.83 8.18 1.11
C PRO A 217 2.09 7.45 -0.21
N ASN A 218 1.11 7.47 -1.10
CA ASN A 218 1.28 6.88 -2.43
C ASN A 218 0.52 7.73 -3.44
N ALA A 219 1.26 8.57 -4.15
CA ALA A 219 0.68 9.50 -5.15
C ALA A 219 0.74 8.92 -6.55
N ASN A 220 0.91 7.60 -6.66
CA ASN A 220 1.11 6.96 -7.96
C ASN A 220 -0.03 6.00 -8.36
N TYR A 221 -0.59 5.26 -7.41
CA TYR A 221 -1.65 4.30 -7.76
C TYR A 221 -2.41 3.91 -6.50
N GLY A 222 -3.51 3.19 -6.70
CA GLY A 222 -4.26 2.61 -5.60
C GLY A 222 -5.76 2.68 -5.79
N GLY A 223 -6.49 2.35 -4.72
CA GLY A 223 -7.93 2.43 -4.73
C GLY A 223 -8.46 3.83 -5.01
N TRP A 224 -7.67 4.85 -4.70
CA TRP A 224 -8.07 6.22 -5.02
C TRP A 224 -8.08 6.49 -6.52
N GLU A 225 -7.27 5.76 -7.29
CA GLU A 225 -7.27 5.94 -8.73
C GLU A 225 -8.56 5.38 -9.31
N GLY A 226 -8.89 4.14 -8.95
CA GLY A 226 -10.17 3.59 -9.35
C GLY A 226 -11.32 4.46 -8.84
N GLY A 227 -11.12 5.09 -7.69
CA GLY A 227 -12.15 5.91 -7.09
C GLY A 227 -12.47 7.19 -7.85
N LEU A 228 -11.68 7.49 -8.88
CA LEU A 228 -11.89 8.71 -9.67
C LEU A 228 -13.16 8.68 -10.51
N ALA A 229 -13.66 7.49 -10.84
CA ALA A 229 -14.82 7.37 -11.71
C ALA A 229 -15.40 5.97 -11.67
N GLU A 230 -16.72 5.88 -11.80
CA GLU A 230 -17.39 4.59 -11.90
C GLU A 230 -16.79 3.78 -13.05
N GLY A 231 -16.40 2.54 -12.77
CA GLY A 231 -15.86 1.66 -13.79
C GLY A 231 -14.50 2.07 -14.35
N TYR A 232 -13.77 2.89 -13.60
CA TYR A 232 -12.49 3.42 -14.06
C TYR A 232 -11.54 2.36 -14.61
N PHE A 233 -11.37 1.26 -13.88
CA PHE A 233 -10.38 0.26 -14.26
C PHE A 233 -10.75 -0.53 -15.50
N LYS A 234 -12.00 -0.40 -15.94
CA LYS A 234 -12.46 -1.07 -17.16
C LYS A 234 -12.45 -0.13 -18.36
N LYS A 235 -12.21 1.15 -18.14
CA LYS A 235 -12.12 2.12 -19.23
C LYS A 235 -10.85 1.90 -20.03
N ASP A 236 -10.86 2.34 -21.30
CA ASP A 236 -9.63 2.33 -22.08
C ASP A 236 -8.74 3.50 -21.65
N THR A 237 -7.55 3.60 -22.24
CA THR A 237 -6.60 4.61 -21.81
C THR A 237 -7.15 6.02 -21.97
N GLN A 238 -7.81 6.28 -23.09
CA GLN A 238 -8.41 7.60 -23.32
C GLN A 238 -9.43 7.91 -22.23
N GLY A 239 -10.23 6.91 -21.86
CA GLY A 239 -11.23 7.07 -20.83
C GLY A 239 -10.63 7.37 -19.46
N GLN A 240 -9.50 6.74 -19.15
CA GLN A 240 -8.83 6.98 -17.88
C GLN A 240 -8.22 8.38 -17.85
N ILE A 241 -7.63 8.81 -18.96
CA ILE A 241 -7.13 10.18 -19.07
C ILE A 241 -8.25 11.18 -18.80
N LYS A 242 -9.39 10.95 -19.45
CA LYS A 242 -10.53 11.84 -19.30
C LYS A 242 -11.04 11.83 -17.86
N ALA A 243 -11.10 10.66 -17.25
CA ALA A 243 -11.54 10.56 -15.86
C ALA A 243 -10.65 11.37 -14.91
N ARG A 244 -9.34 11.26 -15.10
CA ARG A 244 -8.40 12.03 -14.28
C ARG A 244 -8.60 13.54 -14.49
N LEU A 245 -8.68 13.96 -15.74
CA LEU A 245 -8.81 15.38 -16.02
C LEU A 245 -10.17 15.92 -15.54
N ASP A 246 -11.21 15.11 -15.65
CA ASP A 246 -12.55 15.53 -15.22
C ASP A 246 -12.64 15.64 -13.69
N ALA A 247 -11.77 14.93 -12.98
CA ALA A 247 -11.75 14.97 -11.52
C ALA A 247 -11.08 16.22 -10.98
N VAL A 248 -10.30 16.90 -11.81
CA VAL A 248 -9.55 18.07 -11.38
C VAL A 248 -10.50 19.19 -10.94
N GLN A 249 -10.24 19.73 -9.76
CA GLN A 249 -10.96 20.92 -9.28
C GLN A 249 -10.09 22.13 -9.55
N ALA A 250 -10.57 23.04 -10.40
CA ALA A 250 -9.76 24.16 -10.83
C ALA A 250 -10.40 25.51 -10.49
N TRP A 251 -9.58 26.41 -9.99
CA TRP A 251 -9.92 27.83 -9.91
C TRP A 251 -10.31 28.32 -11.29
N ASP A 252 -11.32 29.18 -11.37
CA ASP A 252 -11.74 29.70 -12.67
C ASP A 252 -10.92 30.91 -13.13
N GLY A 253 -9.96 31.32 -12.30
CA GLY A 253 -9.10 32.44 -12.65
C GLY A 253 -9.68 33.80 -12.33
N LYS A 254 -10.84 33.83 -11.67
CA LYS A 254 -11.51 35.09 -11.35
C LYS A 254 -11.49 35.38 -9.85
N LEU A 255 -11.81 36.62 -9.47
CA LEU A 255 -11.79 36.99 -8.06
C LEU A 255 -13.16 36.79 -7.39
MG MG B . 0.01 -1.11 -0.75
O3P NMN C . -0.11 -2.76 -1.77
P NMN C . -0.30 -4.34 -1.80
O1P NMN C . -1.61 -4.85 -1.36
O2P NMN C . 0.97 -5.12 -1.15
O5R NMN C . -0.18 -4.72 -3.39
C5R NMN C . -0.71 -3.81 -4.32
C4R NMN C . -0.97 -4.50 -5.65
O4R NMN C . -1.45 -3.55 -6.65
C3R NMN C . 0.28 -5.14 -6.37
O3R NMN C . 0.69 -6.40 -5.90
C2R NMN C . -0.21 -5.13 -7.84
O2R NMN C . -1.01 -6.25 -8.10
C1R NMN C . -0.95 -3.87 -7.91
N1 NMN C . -0.24 -2.69 -8.43
C2 NMN C . -1.01 -1.82 -9.18
C3 NMN C . -0.38 -0.63 -9.70
C7 NMN C . -1.26 0.29 -10.55
O7 NMN C . -2.42 0.12 -10.58
N7 NMN C . -0.60 1.34 -11.29
C4 NMN C . 1.04 -0.34 -9.43
C5 NMN C . 1.79 -1.21 -8.65
C6 NMN C . 1.15 -2.42 -8.11
#